data_4P4U
#
_entry.id   4P4U
#
_cell.length_a   46.330
_cell.length_b   77.000
_cell.length_c   205.950
_cell.angle_alpha   90.00
_cell.angle_beta   90.00
_cell.angle_gamma   90.00
#
_symmetry.space_group_name_H-M   'I 21 21 21'
#
loop_
_entity.id
_entity.type
_entity.pdbx_description
1 polymer 'Interferon-induced GTP-binding protein Mx1'
2 non-polymer 'SULFATE ION'
3 water water
#
_entity_poly.entity_id   1
_entity_poly.type   'polypeptide(L)'
_entity_poly.pdbx_seq_one_letter_code
;AENNLSSQYEEKVRPCIDLIDSLRALGVEQDLALPAIAVIGDQSSGKSSVLEALSGVALPRGSGIVTRCPLVLKLKKLVN
EDKWRGKVSYQDYEIEISDASEVEKEINKAQNAIAGEGMGISHELITLEISSRDVPDLTLIDLPGITRVAVGNQPADIGY
KIKTLIKKYIQRQETISLVVVPSNVDIATTEALSMAQEVDPEGDRTIGILTKPDLVDKGTEDKVVDVVRNLVFHLKKGYM
IVKCRGQQEIQDQLSLSEALQREKIFFENHPYFRDLLEEGKATVPSLAEKLTSELITHISKSLPLLENQIKETHQRITEE
LQKYGVDIGSGSERSDTSDKRKFLKERLARLTQARRRLAQFPG
;
_entity_poly.pdbx_strand_id   A
#
loop_
_chem_comp.id
_chem_comp.type
_chem_comp.name
_chem_comp.formula
SO4 non-polymer 'SULFATE ION' 'O4 S -2'
#
# COMPACT_ATOMS: atom_id res chain seq x y z
N GLN A 8 -0.31 13.59 21.21
CA GLN A 8 -1.03 12.39 20.68
C GLN A 8 -0.62 12.15 19.21
N TYR A 9 -1.40 12.69 18.26
CA TYR A 9 -1.10 12.68 16.82
C TYR A 9 -1.15 14.10 16.28
N GLU A 10 -0.68 14.29 15.04
CA GLU A 10 -0.84 15.56 14.36
C GLU A 10 -2.27 15.61 13.80
N GLU A 11 -3.12 16.41 14.45
CA GLU A 11 -4.54 16.48 14.09
C GLU A 11 -4.84 17.36 12.87
N LYS A 12 -3.78 17.80 12.18
CA LYS A 12 -3.92 18.43 10.88
C LYS A 12 -3.89 17.37 9.79
N VAL A 13 -3.11 16.33 10.00
CA VAL A 13 -2.95 15.26 9.01
C VAL A 13 -3.90 14.07 9.28
N ARG A 14 -4.06 13.67 10.54
CA ARG A 14 -4.82 12.45 10.85
C ARG A 14 -6.27 12.43 10.36
N PRO A 15 -7.04 13.53 10.53
CA PRO A 15 -8.48 13.38 10.30
C PRO A 15 -8.88 12.82 8.93
N CYS A 16 -8.25 13.28 7.85
CA CYS A 16 -8.51 12.78 6.49
CA CYS A 16 -8.63 12.76 6.56
C CYS A 16 -8.11 11.33 6.33
N ILE A 17 -6.95 11.00 6.90
CA ILE A 17 -6.45 9.62 6.79
C ILE A 17 -7.36 8.70 7.59
N ASP A 18 -7.71 9.11 8.81
CA ASP A 18 -8.60 8.35 9.66
C ASP A 18 -9.95 8.15 9.02
N LEU A 19 -10.47 9.17 8.35
CA LEU A 19 -11.76 9.05 7.68
C LEU A 19 -11.77 7.89 6.68
N ILE A 20 -10.80 7.86 5.77
CA ILE A 20 -10.76 6.78 4.78
C ILE A 20 -10.51 5.40 5.44
N ASP A 21 -9.56 5.32 6.35
CA ASP A 21 -9.38 4.13 7.19
C ASP A 21 -10.71 3.64 7.79
N SER A 22 -11.48 4.54 8.41
CA SER A 22 -12.75 4.13 9.03
CA SER A 22 -12.75 4.16 9.02
C SER A 22 -13.74 3.70 7.97
N LEU A 23 -13.73 4.36 6.82
CA LEU A 23 -14.64 3.92 5.76
C LEU A 23 -14.26 2.52 5.27
N ARG A 24 -12.98 2.27 5.08
CA ARG A 24 -12.51 0.96 4.67
C ARG A 24 -12.85 -0.07 5.76
N ALA A 25 -12.77 0.34 7.04
CA ALA A 25 -13.09 -0.59 8.12
C ALA A 25 -14.58 -0.95 8.14
N LEU A 26 -15.42 -0.11 7.53
CA LEU A 26 -16.85 -0.43 7.43
C LEU A 26 -17.15 -1.57 6.46
N GLY A 27 -16.25 -1.82 5.51
CA GLY A 27 -16.49 -2.82 4.49
C GLY A 27 -17.15 -2.29 3.22
N VAL A 28 -17.19 -0.96 3.08
CA VAL A 28 -17.88 -0.35 1.96
C VAL A 28 -17.06 -0.34 0.67
N GLU A 29 -15.77 -0.67 0.75
CA GLU A 29 -14.91 -0.49 -0.41
C GLU A 29 -15.30 -1.33 -1.64
N GLN A 30 -15.89 -2.52 -1.44
CA GLN A 30 -16.30 -3.32 -2.61
C GLN A 30 -17.29 -2.55 -3.46
N ASP A 31 -18.00 -1.63 -2.80
CA ASP A 31 -19.05 -0.87 -3.46
C ASP A 31 -18.71 0.58 -3.73
N LEU A 32 -17.72 1.12 -3.03
CA LEU A 32 -17.44 2.55 -3.07
C LEU A 32 -15.93 2.74 -3.13
N ALA A 33 -15.42 3.35 -4.22
CA ALA A 33 -13.98 3.59 -4.33
C ALA A 33 -13.48 4.51 -3.20
N LEU A 34 -12.36 4.17 -2.58
CA LEU A 34 -11.79 4.96 -1.50
C LEU A 34 -10.35 5.31 -1.83
N PRO A 35 -9.92 6.54 -1.50
CA PRO A 35 -8.50 6.86 -1.71
C PRO A 35 -7.63 5.74 -1.16
N ALA A 36 -6.65 5.32 -1.98
CA ALA A 36 -5.72 4.23 -1.64
C ALA A 36 -4.37 4.45 -2.33
N ILE A 37 -3.30 4.03 -1.66
CA ILE A 37 -2.02 3.78 -2.30
C ILE A 37 -1.81 2.26 -2.22
N ALA A 38 -1.85 1.61 -3.38
CA ALA A 38 -1.68 0.16 -3.52
C ALA A 38 -0.23 -0.10 -3.91
N VAL A 39 0.44 -0.99 -3.16
CA VAL A 39 1.84 -1.31 -3.40
C VAL A 39 1.90 -2.56 -4.25
N ILE A 40 2.49 -2.44 -5.44
CA ILE A 40 2.55 -3.57 -6.32
C ILE A 40 3.95 -3.77 -6.87
N GLY A 41 4.28 -5.01 -7.17
CA GLY A 41 5.58 -5.32 -7.74
C GLY A 41 5.60 -6.72 -8.25
N ASP A 42 6.51 -7.02 -9.16
CA ASP A 42 6.75 -8.38 -9.59
C ASP A 42 7.36 -9.12 -8.40
N GLN A 43 7.23 -10.44 -8.35
CA GLN A 43 7.85 -11.23 -7.30
C GLN A 43 9.34 -10.89 -7.14
N SER A 44 9.79 -10.82 -5.89
CA SER A 44 11.17 -10.51 -5.54
C SER A 44 11.56 -9.07 -5.88
N SER A 45 10.58 -8.17 -5.86
CA SER A 45 10.85 -6.75 -6.14
C SER A 45 11.59 -6.04 -4.99
N GLY A 46 11.56 -6.64 -3.80
CA GLY A 46 12.03 -6.03 -2.57
C GLY A 46 10.97 -5.14 -1.90
N LYS A 47 9.72 -5.17 -2.36
CA LYS A 47 8.74 -4.32 -1.68
C LYS A 47 8.48 -4.70 -0.24
N SER A 48 8.59 -5.97 0.11
CA SER A 48 8.39 -6.32 1.50
C SER A 48 9.44 -5.61 2.42
N SER A 49 10.68 -5.54 1.96
CA SER A 49 11.72 -4.85 2.73
CA SER A 49 11.75 -4.83 2.67
C SER A 49 11.43 -3.34 2.81
N VAL A 50 10.88 -2.76 1.75
CA VAL A 50 10.42 -1.37 1.79
C VAL A 50 9.32 -1.16 2.85
N LEU A 51 8.36 -2.08 2.91
CA LEU A 51 7.31 -2.02 3.91
C LEU A 51 7.84 -2.16 5.31
N GLU A 52 8.81 -3.06 5.52
CA GLU A 52 9.46 -3.16 6.84
C GLU A 52 10.16 -1.84 7.22
N ALA A 53 10.83 -1.24 6.24
CA ALA A 53 11.59 0.00 6.50
C ALA A 53 10.64 1.14 6.88
N LEU A 54 9.54 1.27 6.15
CA LEU A 54 8.54 2.31 6.43
C LEU A 54 7.84 2.11 7.76
N SER A 55 7.54 0.85 8.13
CA SER A 55 6.79 0.53 9.34
C SER A 55 7.74 0.35 10.52
N GLY A 56 9.02 0.15 10.22
CA GLY A 56 10.05 -0.03 11.25
C GLY A 56 9.99 -1.40 11.92
N VAL A 57 9.18 -2.32 11.41
CA VAL A 57 9.10 -3.66 12.01
C VAL A 57 9.34 -4.75 10.96
N ALA A 58 9.79 -5.92 11.40
CA ALA A 58 9.94 -7.06 10.49
C ALA A 58 8.56 -7.64 10.11
N LEU A 59 8.42 -8.02 8.85
CA LEU A 59 7.16 -8.56 8.30
C LEU A 59 7.45 -9.88 7.59
N PRO A 60 6.41 -10.71 7.40
CA PRO A 60 6.54 -11.86 6.48
C PRO A 60 6.68 -11.35 5.03
N ARG A 61 7.55 -11.91 4.18
CA ARG A 61 8.42 -13.07 4.43
C ARG A 61 9.04 -13.47 3.09
N ARG A 68 -1.44 -15.63 -0.30
CA ARG A 68 -1.32 -14.29 0.22
C ARG A 68 -2.55 -13.38 -0.02
N CYS A 69 -2.51 -12.18 0.56
CA CYS A 69 -3.66 -11.30 0.62
C CYS A 69 -3.30 -9.89 1.01
N PRO A 70 -4.22 -8.95 0.76
CA PRO A 70 -3.99 -7.54 1.00
C PRO A 70 -3.66 -7.25 2.46
N LEU A 71 -2.58 -6.51 2.67
CA LEU A 71 -2.19 -6.04 3.98
C LEU A 71 -2.42 -4.54 3.99
N VAL A 72 -3.37 -4.10 4.81
CA VAL A 72 -3.61 -2.68 5.04
C VAL A 72 -2.67 -2.23 6.15
N LEU A 73 -1.67 -1.44 5.80
CA LEU A 73 -0.73 -0.99 6.78
C LEU A 73 -1.11 0.44 7.20
N LYS A 74 -1.67 0.58 8.40
CA LYS A 74 -2.09 1.90 8.96
C LYS A 74 -0.99 2.36 9.90
N LEU A 75 -0.18 3.31 9.47
CA LEU A 75 0.90 3.81 10.29
C LEU A 75 0.52 5.18 10.86
N LYS A 76 0.79 5.37 12.15
CA LYS A 76 0.39 6.56 12.89
C LYS A 76 1.58 7.13 13.66
N LYS A 77 2.01 8.34 13.26
CA LYS A 77 3.15 9.02 13.90
C LYS A 77 2.83 9.54 15.30
N LEU A 78 3.47 8.96 16.31
CA LEU A 78 3.35 9.47 17.68
C LEU A 78 4.25 10.68 17.89
N VAL A 79 3.64 11.76 18.38
CA VAL A 79 4.35 13.00 18.70
C VAL A 79 4.33 13.22 20.22
N ASN A 80 4.32 12.12 20.96
CA ASN A 80 3.88 12.18 22.35
C ASN A 80 4.42 11.07 23.27
N GLU A 81 3.74 9.93 23.25
CA GLU A 81 3.91 8.89 24.27
C GLU A 81 5.30 8.26 24.27
N ASP A 82 5.88 8.10 23.08
CA ASP A 82 7.11 7.34 22.87
C ASP A 82 6.84 5.83 22.89
N LYS A 83 5.64 5.46 23.30
CA LYS A 83 5.30 4.08 23.63
C LYS A 83 4.71 3.35 22.41
N TRP A 84 5.56 2.60 21.71
CA TRP A 84 5.16 1.78 20.56
C TRP A 84 3.88 1.00 20.84
N ARG A 85 2.95 1.02 19.90
CA ARG A 85 1.69 0.27 19.98
C ARG A 85 1.41 -0.45 18.65
N GLY A 86 0.83 -1.64 18.73
CA GLY A 86 0.51 -2.41 17.51
C GLY A 86 -0.79 -3.18 17.63
N LYS A 87 -1.48 -3.34 16.52
CA LYS A 87 -2.76 -4.05 16.50
C LYS A 87 -2.97 -4.72 15.13
N VAL A 88 -3.42 -5.97 15.14
CA VAL A 88 -3.75 -6.69 13.91
C VAL A 88 -5.20 -7.17 13.95
N SER A 89 -5.93 -6.86 12.88
CA SER A 89 -7.36 -7.14 12.75
C SER A 89 -7.63 -7.89 11.45
N TYR A 90 -8.47 -8.91 11.54
CA TYR A 90 -8.82 -9.73 10.40
C TYR A 90 -10.08 -10.46 10.78
N GLN A 91 -11.03 -10.50 9.85
CA GLN A 91 -12.33 -11.12 10.12
C GLN A 91 -12.90 -10.56 11.41
N ASP A 92 -13.23 -11.44 12.36
CA ASP A 92 -13.76 -11.02 13.63
C ASP A 92 -12.68 -10.95 14.72
N TYR A 93 -11.42 -11.05 14.33
CA TYR A 93 -10.33 -11.01 15.32
C TYR A 93 -9.76 -9.61 15.44
N GLU A 94 -9.28 -9.31 16.63
CA GLU A 94 -8.53 -8.10 16.88
C GLU A 94 -7.49 -8.42 17.96
N ILE A 95 -6.22 -8.40 17.58
CA ILE A 95 -5.14 -8.72 18.49
C ILE A 95 -4.23 -7.52 18.77
N GLU A 96 -4.04 -7.24 20.05
CA GLU A 96 -3.04 -6.28 20.51
C GLU A 96 -1.67 -6.94 20.44
N ILE A 97 -0.74 -6.27 19.79
CA ILE A 97 0.63 -6.78 19.64
C ILE A 97 1.47 -6.21 20.77
N SER A 98 2.15 -7.09 21.52
CA SER A 98 3.01 -6.67 22.63
C SER A 98 4.02 -5.59 22.23
N ASP A 99 4.89 -5.95 21.29
CA ASP A 99 5.99 -5.10 20.87
C ASP A 99 6.36 -5.41 19.43
N ALA A 100 7.24 -4.58 18.88
CA ALA A 100 7.59 -4.60 17.46
C ALA A 100 7.98 -5.98 16.95
N SER A 101 8.70 -6.75 17.77
CA SER A 101 9.24 -8.04 17.38
C SER A 101 8.16 -9.12 17.17
N GLU A 102 6.93 -8.82 17.60
CA GLU A 102 5.82 -9.78 17.60
C GLU A 102 4.94 -9.66 16.36
N VAL A 103 5.18 -8.60 15.58
CA VAL A 103 4.34 -8.27 14.41
C VAL A 103 4.38 -9.40 13.37
N GLU A 104 5.59 -9.83 13.03
CA GLU A 104 5.80 -10.84 12.01
C GLU A 104 5.01 -12.12 12.36
N LYS A 105 5.13 -12.57 13.62
CA LYS A 105 4.37 -13.73 14.13
C LYS A 105 2.86 -13.49 13.98
N GLU A 106 2.39 -12.30 14.35
CA GLU A 106 0.95 -12.00 14.31
C GLU A 106 0.40 -11.95 12.89
N ILE A 107 1.23 -11.51 11.94
CA ILE A 107 0.79 -11.43 10.54
C ILE A 107 0.73 -12.83 9.96
N ASN A 108 1.78 -13.62 10.18
CA ASN A 108 1.74 -15.05 9.80
C ASN A 108 0.53 -15.77 10.38
N LYS A 109 0.21 -15.48 11.65
CA LYS A 109 -0.97 -16.06 12.30
CA LYS A 109 -0.96 -16.08 12.29
C LYS A 109 -2.24 -15.71 11.53
N ALA A 110 -2.38 -14.43 11.20
CA ALA A 110 -3.53 -13.91 10.46
C ALA A 110 -3.63 -14.55 9.07
N GLN A 111 -2.51 -14.63 8.35
CA GLN A 111 -2.49 -15.24 7.02
C GLN A 111 -2.96 -16.70 7.13
N ASN A 112 -2.46 -17.41 8.13
CA ASN A 112 -2.93 -18.78 8.38
C ASN A 112 -4.41 -18.85 8.79
N ALA A 113 -4.86 -17.92 9.62
CA ALA A 113 -6.24 -17.94 10.11
C ALA A 113 -7.29 -17.80 8.99
N ILE A 114 -6.97 -16.99 7.97
CA ILE A 114 -7.91 -16.68 6.90
C ILE A 114 -7.60 -17.35 5.56
N ALA A 115 -6.38 -17.84 5.40
CA ALA A 115 -5.90 -18.46 4.16
C ALA A 115 -5.06 -19.70 4.43
N GLY A 120 -5.85 -20.76 -3.13
CA GLY A 120 -5.91 -19.65 -4.07
C GLY A 120 -5.27 -18.37 -3.57
N ILE A 121 -5.75 -17.25 -4.10
CA ILE A 121 -5.26 -15.93 -3.75
C ILE A 121 -6.41 -15.30 -2.98
N SER A 122 -6.18 -14.84 -1.75
CA SER A 122 -7.28 -14.31 -0.93
C SER A 122 -7.56 -12.81 -1.12
N HIS A 123 -8.83 -12.40 -0.99
CA HIS A 123 -9.20 -10.97 -1.05
C HIS A 123 -9.46 -10.41 0.36
N GLU A 124 -9.48 -11.29 1.36
CA GLU A 124 -9.62 -10.88 2.76
C GLU A 124 -8.51 -9.93 3.19
N LEU A 125 -8.86 -8.86 3.89
CA LEU A 125 -7.87 -7.89 4.37
C LEU A 125 -7.29 -8.26 5.74
N ILE A 126 -5.99 -8.22 5.84
CA ILE A 126 -5.35 -8.13 7.17
C ILE A 126 -4.99 -6.67 7.44
N THR A 127 -5.46 -6.12 8.55
CA THR A 127 -5.15 -4.72 8.86
C THR A 127 -4.14 -4.63 9.98
N LEU A 128 -3.00 -4.03 9.68
CA LEU A 128 -1.96 -3.85 10.68
C LEU A 128 -1.89 -2.38 11.03
N GLU A 129 -2.15 -2.07 12.31
CA GLU A 129 -2.06 -0.70 12.79
C GLU A 129 -0.85 -0.55 13.71
N ILE A 130 0.07 0.34 13.35
CA ILE A 130 1.24 0.64 14.19
C ILE A 130 1.24 2.12 14.58
N SER A 131 1.29 2.39 15.89
CA SER A 131 1.50 3.74 16.43
C SER A 131 2.88 3.83 17.03
N SER A 132 3.72 4.70 16.46
CA SER A 132 5.15 4.71 16.74
C SER A 132 5.81 6.06 16.45
N ARG A 133 6.84 6.41 17.21
CA ARG A 133 7.63 7.61 16.88
C ARG A 133 8.35 7.48 15.54
N ASP A 134 8.56 6.24 15.10
CA ASP A 134 9.43 5.97 13.94
C ASP A 134 8.73 5.82 12.60
N VAL A 135 7.41 5.90 12.58
CA VAL A 135 6.67 5.69 11.34
C VAL A 135 6.06 7.01 10.89
N PRO A 136 5.73 7.13 9.58
CA PRO A 136 4.94 8.26 9.10
C PRO A 136 3.44 8.07 9.36
N ASP A 137 2.68 9.17 9.23
CA ASP A 137 1.23 9.06 9.14
C ASP A 137 0.94 8.61 7.72
N LEU A 138 0.50 7.37 7.57
CA LEU A 138 0.39 6.79 6.25
C LEU A 138 -0.38 5.49 6.30
N THR A 139 -1.29 5.33 5.34
CA THR A 139 -1.91 4.03 5.10
C THR A 139 -1.53 3.58 3.71
N LEU A 140 -1.15 2.31 3.59
CA LEU A 140 -0.86 1.67 2.32
C LEU A 140 -1.63 0.35 2.23
N ILE A 141 -1.91 -0.12 1.02
CA ILE A 141 -2.45 -1.45 0.81
C ILE A 141 -1.45 -2.26 0.03
N ASP A 142 -0.80 -3.21 0.70
CA ASP A 142 0.17 -4.07 0.04
C ASP A 142 -0.52 -5.21 -0.64
N LEU A 143 -0.20 -5.43 -1.92
CA LEU A 143 -0.84 -6.50 -2.69
C LEU A 143 0.18 -7.55 -3.14
N PRO A 144 -0.25 -8.82 -3.32
CA PRO A 144 0.76 -9.85 -3.56
C PRO A 144 1.52 -9.68 -4.88
N GLY A 145 2.81 -10.02 -4.83
CA GLY A 145 3.75 -9.90 -5.94
C GLY A 145 3.29 -10.65 -7.17
N ILE A 146 3.56 -10.02 -8.32
CA ILE A 146 3.09 -10.55 -9.61
C ILE A 146 4.06 -11.56 -10.18
N THR A 147 3.49 -12.65 -10.67
CA THR A 147 4.23 -13.66 -11.37
C THR A 147 3.56 -13.93 -12.74
N ARG A 148 4.34 -14.41 -13.70
CA ARG A 148 3.83 -14.72 -15.02
C ARG A 148 3.57 -16.22 -15.18
N VAL A 149 4.45 -17.03 -14.63
CA VAL A 149 4.35 -18.48 -14.78
C VAL A 149 4.15 -19.15 -13.40
N ALA A 150 3.23 -20.11 -13.35
CA ALA A 150 2.98 -20.92 -12.17
C ALA A 150 4.19 -21.81 -11.86
N VAL A 151 4.59 -21.81 -10.60
CA VAL A 151 5.65 -22.68 -10.09
C VAL A 151 5.13 -23.52 -8.92
N GLY A 152 5.75 -24.67 -8.72
CA GLY A 152 5.45 -25.55 -7.62
C GLY A 152 4.08 -26.15 -7.73
N ASN A 153 3.24 -25.82 -6.76
CA ASN A 153 1.87 -26.26 -6.81
C ASN A 153 0.82 -25.16 -6.84
N GLN A 154 1.25 -23.98 -7.30
CA GLN A 154 0.32 -22.89 -7.53
C GLN A 154 -0.66 -23.27 -8.64
N PRO A 155 -1.91 -22.77 -8.58
CA PRO A 155 -2.84 -23.02 -9.68
C PRO A 155 -2.30 -22.44 -11.00
N ALA A 156 -2.63 -23.06 -12.12
CA ALA A 156 -2.10 -22.67 -13.44
C ALA A 156 -2.35 -21.19 -13.76
N ASP A 157 -3.53 -20.70 -13.41
CA ASP A 157 -3.91 -19.30 -13.70
C ASP A 157 -3.55 -18.33 -12.58
N ILE A 158 -2.51 -18.66 -11.80
CA ILE A 158 -2.14 -17.80 -10.68
C ILE A 158 -1.95 -16.37 -11.13
N GLY A 159 -1.38 -16.20 -12.34
CA GLY A 159 -1.14 -14.86 -12.92
C GLY A 159 -2.44 -14.10 -12.98
N TYR A 160 -3.46 -14.71 -13.57
CA TYR A 160 -4.81 -14.14 -13.65
C TYR A 160 -5.42 -13.78 -12.28
N LYS A 161 -5.28 -14.67 -11.29
CA LYS A 161 -5.91 -14.42 -9.99
C LYS A 161 -5.24 -13.26 -9.21
N ILE A 162 -3.93 -13.16 -9.33
CA ILE A 162 -3.21 -12.02 -8.76
C ILE A 162 -3.59 -10.72 -9.49
N LYS A 163 -3.57 -10.77 -10.83
CA LYS A 163 -4.00 -9.61 -11.65
C LYS A 163 -5.41 -9.11 -11.30
N THR A 164 -6.32 -10.05 -11.07
CA THR A 164 -7.72 -9.70 -10.77
C THR A 164 -7.79 -8.95 -9.45
N LEU A 165 -7.02 -9.42 -8.47
CA LEU A 165 -7.02 -8.76 -7.16
C LEU A 165 -6.40 -7.38 -7.28
N ILE A 166 -5.31 -7.29 -8.04
CA ILE A 166 -4.65 -5.99 -8.19
C ILE A 166 -5.57 -5.02 -8.95
N LYS A 167 -6.15 -5.51 -10.05
CA LYS A 167 -7.02 -4.68 -10.90
C LYS A 167 -8.18 -4.08 -10.11
N LYS A 168 -8.75 -4.86 -9.20
CA LYS A 168 -9.84 -4.38 -8.33
C LYS A 168 -9.49 -3.05 -7.64
N TYR A 169 -8.23 -2.90 -7.20
CA TYR A 169 -7.74 -1.67 -6.60
C TYR A 169 -7.30 -0.65 -7.64
N ILE A 170 -6.36 -1.04 -8.51
CA ILE A 170 -5.67 -0.05 -9.33
C ILE A 170 -6.48 0.52 -10.51
N GLN A 171 -7.55 -0.16 -10.94
CA GLN A 171 -8.45 0.37 -11.98
C GLN A 171 -9.19 1.61 -11.52
N ARG A 172 -9.32 1.81 -10.20
CA ARG A 172 -10.05 2.96 -9.68
C ARG A 172 -9.17 4.21 -9.69
N GLN A 173 -9.72 5.32 -10.18
CA GLN A 173 -8.96 6.58 -10.22
C GLN A 173 -8.55 7.03 -8.82
N GLU A 174 -9.26 6.55 -7.81
CA GLU A 174 -8.95 6.87 -6.41
C GLU A 174 -7.73 6.11 -5.85
N THR A 175 -7.14 5.21 -6.65
CA THR A 175 -5.93 4.47 -6.24
C THR A 175 -4.68 5.06 -6.94
N ILE A 176 -3.65 5.37 -6.14
CA ILE A 176 -2.33 5.61 -6.67
C ILE A 176 -1.58 4.27 -6.66
N SER A 177 -1.00 3.87 -7.79
CA SER A 177 -0.17 2.65 -7.82
C SER A 177 1.28 2.98 -7.47
N LEU A 178 1.77 2.27 -6.47
CA LEU A 178 3.14 2.39 -6.02
C LEU A 178 3.86 1.18 -6.58
N VAL A 179 4.59 1.38 -7.66
CA VAL A 179 5.20 0.30 -8.42
C VAL A 179 6.64 0.13 -7.91
N VAL A 180 6.94 -1.05 -7.37
CA VAL A 180 8.27 -1.30 -6.79
C VAL A 180 9.09 -2.17 -7.76
N VAL A 181 10.29 -1.73 -8.07
CA VAL A 181 11.13 -2.43 -9.04
C VAL A 181 12.59 -2.41 -8.59
N PRO A 182 13.26 -3.57 -8.65
CA PRO A 182 14.70 -3.60 -8.38
C PRO A 182 15.46 -2.74 -9.39
N SER A 183 16.55 -2.12 -8.93
CA SER A 183 17.29 -1.15 -9.74
C SER A 183 17.96 -1.81 -10.94
N ASN A 184 18.22 -3.11 -10.85
CA ASN A 184 18.83 -3.91 -11.93
CA ASN A 184 18.87 -3.82 -11.95
C ASN A 184 17.89 -4.24 -13.07
N VAL A 185 16.58 -4.17 -12.84
CA VAL A 185 15.71 -4.57 -13.93
C VAL A 185 15.12 -3.35 -14.65
N ASP A 186 15.17 -3.38 -15.98
CA ASP A 186 14.54 -2.35 -16.83
CA ASP A 186 14.61 -2.31 -16.78
C ASP A 186 13.12 -2.19 -16.45
N ILE A 187 12.72 -0.96 -16.10
CA ILE A 187 11.37 -0.73 -15.61
C ILE A 187 10.32 -1.05 -16.69
N ALA A 188 10.69 -0.88 -17.95
CA ALA A 188 9.79 -1.21 -19.06
C ALA A 188 9.57 -2.72 -19.24
N THR A 189 10.33 -3.56 -18.52
CA THR A 189 10.08 -5.01 -18.57
C THR A 189 9.20 -5.56 -17.46
N THR A 190 8.95 -4.76 -16.42
CA THR A 190 8.18 -5.25 -15.29
C THR A 190 6.70 -5.25 -15.56
N GLU A 191 6.08 -6.37 -15.20
CA GLU A 191 4.65 -6.50 -15.27
C GLU A 191 3.89 -5.45 -14.45
N ALA A 192 4.40 -5.12 -13.26
CA ALA A 192 3.74 -4.14 -12.37
C ALA A 192 3.55 -2.78 -13.05
N LEU A 193 4.61 -2.30 -13.71
CA LEU A 193 4.49 -1.03 -14.47
C LEU A 193 3.56 -1.15 -15.64
N SER A 194 3.63 -2.28 -16.35
CA SER A 194 2.68 -2.58 -17.40
C SER A 194 1.23 -2.49 -16.92
N MET A 195 0.94 -3.03 -15.74
CA MET A 195 -0.41 -3.01 -15.21
C MET A 195 -0.79 -1.56 -14.87
N ALA A 196 0.16 -0.82 -14.31
CA ALA A 196 -0.08 0.58 -13.93
C ALA A 196 -0.41 1.45 -15.14
N GLN A 197 0.37 1.29 -16.20
CA GLN A 197 0.24 2.10 -17.41
C GLN A 197 -1.06 1.78 -18.15
N GLU A 198 -1.51 0.54 -18.01
CA GLU A 198 -2.78 0.09 -18.55
C GLU A 198 -4.00 0.83 -17.95
N VAL A 199 -4.00 1.05 -16.64
CA VAL A 199 -5.14 1.70 -15.97
C VAL A 199 -4.91 3.22 -15.83
N ASP A 200 -3.65 3.62 -16.00
CA ASP A 200 -3.21 5.00 -15.86
C ASP A 200 -2.25 5.28 -17.04
N PRO A 201 -2.77 5.33 -18.29
CA PRO A 201 -1.92 5.64 -19.43
C PRO A 201 -1.26 7.00 -19.27
N GLU A 202 -1.94 7.95 -18.63
CA GLU A 202 -1.41 9.30 -18.44
C GLU A 202 -0.17 9.28 -17.52
N GLY A 203 -0.07 8.28 -16.64
CA GLY A 203 1.02 8.25 -15.65
C GLY A 203 0.82 9.35 -14.63
N ASP A 204 -0.43 9.62 -14.31
CA ASP A 204 -0.81 10.68 -13.40
C ASP A 204 -1.02 10.16 -11.97
N ARG A 205 -1.11 8.85 -11.80
CA ARG A 205 -1.36 8.32 -10.43
C ARG A 205 -0.51 7.08 -10.17
N THR A 206 0.74 7.16 -10.61
CA THR A 206 1.68 6.05 -10.47
C THR A 206 2.99 6.63 -9.95
N ILE A 207 3.52 6.04 -8.87
CA ILE A 207 4.82 6.40 -8.33
C ILE A 207 5.73 5.17 -8.48
N GLY A 208 7.01 5.39 -8.85
CA GLY A 208 7.98 4.31 -8.94
C GLY A 208 8.98 4.30 -7.79
N ILE A 209 9.22 3.12 -7.19
CA ILE A 209 10.26 2.97 -6.17
CA ILE A 209 10.25 2.97 -6.16
C ILE A 209 11.28 1.97 -6.67
N LEU A 210 12.54 2.42 -6.81
CA LEU A 210 13.61 1.53 -7.21
C LEU A 210 14.30 1.03 -5.93
N THR A 211 14.55 -0.28 -5.89
CA THR A 211 15.13 -0.92 -4.71
C THR A 211 16.47 -1.57 -5.08
N LYS A 212 17.13 -2.20 -4.12
CA LYS A 212 18.36 -2.98 -4.36
C LYS A 212 19.43 -2.24 -5.23
N PRO A 213 19.68 -0.95 -4.96
CA PRO A 213 20.64 -0.22 -5.79
C PRO A 213 22.09 -0.65 -5.63
N ASP A 214 22.38 -1.45 -4.60
CA ASP A 214 23.74 -1.92 -4.36
C ASP A 214 24.03 -3.07 -5.34
N LEU A 215 22.99 -3.62 -5.94
CA LEU A 215 23.17 -4.77 -6.83
C LEU A 215 23.29 -4.40 -8.30
N VAL A 216 23.28 -3.10 -8.59
CA VAL A 216 23.41 -2.58 -9.96
C VAL A 216 24.77 -2.91 -10.61
N ASP A 217 24.71 -3.37 -11.85
CA ASP A 217 25.91 -3.75 -12.59
C ASP A 217 26.78 -2.50 -12.81
N LYS A 218 28.06 -2.59 -12.44
CA LYS A 218 28.97 -1.44 -12.58
C LYS A 218 29.04 -0.97 -14.02
N GLY A 219 28.81 0.32 -14.23
CA GLY A 219 28.90 0.91 -15.56
C GLY A 219 27.51 1.15 -16.09
N THR A 220 26.48 0.77 -15.31
CA THR A 220 25.09 0.99 -15.69
C THR A 220 24.35 1.93 -14.73
N GLU A 221 25.06 2.48 -13.75
CA GLU A 221 24.45 3.40 -12.78
C GLU A 221 23.81 4.65 -13.40
N ASP A 222 24.39 5.16 -14.49
CA ASP A 222 23.83 6.33 -15.17
CA ASP A 222 23.83 6.32 -15.19
C ASP A 222 22.39 6.08 -15.68
N LYS A 223 22.12 4.86 -16.13
CA LYS A 223 20.80 4.44 -16.57
C LYS A 223 19.80 4.51 -15.42
N VAL A 224 20.23 4.09 -14.23
CA VAL A 224 19.36 4.12 -13.03
C VAL A 224 19.04 5.57 -12.64
N VAL A 225 20.08 6.41 -12.58
CA VAL A 225 19.93 7.84 -12.33
C VAL A 225 18.91 8.46 -13.30
N ASP A 226 19.03 8.16 -14.59
CA ASP A 226 18.08 8.70 -15.59
C ASP A 226 16.65 8.31 -15.27
N VAL A 227 16.46 7.06 -14.85
CA VAL A 227 15.11 6.57 -14.51
C VAL A 227 14.55 7.33 -13.32
N VAL A 228 15.33 7.44 -12.23
CA VAL A 228 14.84 8.14 -11.03
C VAL A 228 14.58 9.63 -11.28
N ARG A 229 15.36 10.21 -12.18
CA ARG A 229 15.19 11.62 -12.56
C ARG A 229 14.01 11.83 -13.48
N ASN A 230 13.26 10.76 -13.75
CA ASN A 230 12.03 10.84 -14.54
C ASN A 230 12.31 11.13 -16.02
N LEU A 231 13.42 10.61 -16.53
CA LEU A 231 13.84 10.89 -17.91
C LEU A 231 13.54 9.76 -18.87
N VAL A 232 13.04 8.62 -18.36
CA VAL A 232 12.98 7.40 -19.15
C VAL A 232 11.52 7.05 -19.36
N PHE A 233 10.87 6.56 -18.31
CA PHE A 233 9.44 6.39 -18.35
C PHE A 233 8.84 7.45 -17.45
N HIS A 234 8.16 8.42 -18.04
CA HIS A 234 7.67 9.59 -17.29
C HIS A 234 6.48 9.31 -16.36
N LEU A 235 6.58 9.77 -15.12
CA LEU A 235 5.48 9.69 -14.18
C LEU A 235 5.30 11.05 -13.54
N LYS A 236 4.07 11.57 -13.55
CA LYS A 236 3.78 12.89 -12.99
C LYS A 236 4.29 12.97 -11.56
N LYS A 237 4.02 11.93 -10.77
CA LYS A 237 4.42 11.92 -9.37
C LYS A 237 5.87 11.45 -9.16
N GLY A 238 6.55 11.00 -10.22
CA GLY A 238 7.98 10.70 -10.15
C GLY A 238 8.41 9.40 -9.47
N TYR A 239 9.68 9.35 -9.08
CA TYR A 239 10.30 8.13 -8.59
C TYR A 239 11.05 8.42 -7.33
N MET A 240 11.31 7.35 -6.57
CA MET A 240 12.23 7.39 -5.43
C MET A 240 13.12 6.15 -5.49
N ILE A 241 14.28 6.23 -4.83
CA ILE A 241 15.19 5.09 -4.75
C ILE A 241 15.56 4.85 -3.29
N VAL A 242 15.60 3.59 -2.90
CA VAL A 242 15.84 3.24 -1.50
C VAL A 242 16.79 2.06 -1.44
N LYS A 243 17.48 1.92 -0.30
CA LYS A 243 18.31 0.77 -0.05
C LYS A 243 17.90 0.23 1.32
N CYS A 244 17.00 -0.76 1.29
CA CYS A 244 16.47 -1.40 2.50
C CYS A 244 17.29 -2.65 2.78
N ARG A 245 16.95 -3.37 3.85
CA ARG A 245 17.66 -4.59 4.20
C ARG A 245 17.67 -5.55 3.04
N GLY A 246 18.87 -6.00 2.70
CA GLY A 246 19.06 -7.13 1.80
C GLY A 246 18.71 -8.42 2.51
N GLN A 247 18.77 -9.52 1.78
CA GLN A 247 18.39 -10.81 2.32
C GLN A 247 19.26 -11.24 3.50
N GLN A 248 20.57 -11.06 3.36
CA GLN A 248 21.51 -11.43 4.42
C GLN A 248 21.21 -10.67 5.72
N GLU A 249 20.99 -9.36 5.61
CA GLU A 249 20.59 -8.52 6.73
C GLU A 249 19.27 -8.94 7.34
N ILE A 250 18.30 -9.30 6.49
CA ILE A 250 17.01 -9.85 6.96
C ILE A 250 17.25 -11.15 7.75
N GLN A 251 18.09 -12.01 7.20
CA GLN A 251 18.49 -13.25 7.87
C GLN A 251 19.25 -13.04 9.17
N ASP A 252 20.08 -12.00 9.23
CA ASP A 252 20.78 -11.65 10.47
C ASP A 252 19.90 -10.88 11.44
N GLN A 253 18.66 -10.60 11.03
CA GLN A 253 17.73 -9.79 11.80
C GLN A 253 18.37 -8.44 12.19
N LEU A 254 19.06 -7.83 11.23
CA LEU A 254 19.55 -6.45 11.38
C LEU A 254 18.38 -5.57 11.77
N SER A 255 18.55 -4.75 12.80
CA SER A 255 17.46 -3.94 13.27
C SER A 255 17.11 -2.91 12.20
N LEU A 256 15.84 -2.54 12.15
CA LEU A 256 15.41 -1.63 11.09
C LEU A 256 15.99 -0.24 11.24
N SER A 257 16.24 0.18 12.48
CA SER A 257 16.88 1.47 12.74
C SER A 257 18.31 1.52 12.21
N GLU A 258 19.03 0.40 12.35
CA GLU A 258 20.40 0.25 11.83
C GLU A 258 20.40 0.23 10.32
N ALA A 259 19.39 -0.38 9.72
CA ALA A 259 19.28 -0.43 8.27
C ALA A 259 19.06 0.97 7.72
N LEU A 260 18.30 1.80 8.43
CA LEU A 260 18.11 3.22 8.05
C LEU A 260 19.46 3.94 8.03
N GLN A 261 20.28 3.67 9.05
CA GLN A 261 21.62 4.22 9.11
C GLN A 261 22.50 3.77 7.97
N ARG A 262 22.47 2.48 7.66
CA ARG A 262 23.21 1.97 6.53
C ARG A 262 22.77 2.64 5.24
N GLU A 263 21.45 2.84 5.10
CA GLU A 263 20.90 3.43 3.88
C GLU A 263 21.47 4.80 3.63
N LYS A 264 21.48 5.62 4.68
CA LYS A 264 21.93 7.00 4.65
C LYS A 264 23.39 7.10 4.20
N ILE A 265 24.25 6.30 4.84
CA ILE A 265 25.65 6.16 4.47
C ILE A 265 25.80 5.69 3.02
N PHE A 266 24.97 4.73 2.63
CA PHE A 266 25.05 4.18 1.30
C PHE A 266 24.89 5.26 0.24
N PHE A 267 23.83 6.06 0.37
CA PHE A 267 23.56 7.16 -0.57
C PHE A 267 24.56 8.33 -0.45
N GLU A 268 24.94 8.72 0.77
CA GLU A 268 25.92 9.80 0.94
C GLU A 268 27.28 9.50 0.28
N ASN A 269 27.63 8.22 0.16
CA ASN A 269 28.95 7.83 -0.35
C ASN A 269 28.98 7.24 -1.72
N HIS A 270 27.81 7.14 -2.36
CA HIS A 270 27.70 6.53 -3.68
C HIS A 270 28.16 7.46 -4.82
N PRO A 271 29.01 6.96 -5.74
CA PRO A 271 29.59 7.84 -6.77
C PRO A 271 28.59 8.33 -7.80
N TYR A 272 27.44 7.68 -7.86
CA TYR A 272 26.38 8.05 -8.81
C TYR A 272 25.10 8.45 -8.10
N PHE A 273 24.76 7.71 -7.04
CA PHE A 273 23.49 7.95 -6.39
C PHE A 273 23.45 9.08 -5.36
N ARG A 274 24.59 9.63 -4.94
N ARG A 274 24.61 9.62 -4.94
CA ARG A 274 24.57 10.79 -4.04
CA ARG A 274 24.60 10.79 -4.06
C ARG A 274 23.79 11.97 -4.64
C ARG A 274 23.82 11.96 -4.64
N ASP A 275 23.90 12.12 -5.96
CA ASP A 275 23.16 13.19 -6.66
C ASP A 275 21.65 12.98 -6.49
N LEU A 276 21.22 11.73 -6.50
CA LEU A 276 19.81 11.44 -6.31
C LEU A 276 19.37 11.82 -4.88
N LEU A 277 20.23 11.53 -3.89
CA LEU A 277 19.97 11.97 -2.53
C LEU A 277 19.85 13.50 -2.45
N GLU A 278 20.81 14.18 -3.07
CA GLU A 278 20.86 15.65 -3.04
C GLU A 278 19.64 16.27 -3.74
N GLU A 279 19.06 15.53 -4.67
CA GLU A 279 17.84 15.96 -5.39
C GLU A 279 16.54 15.54 -4.69
N GLY A 280 16.62 14.99 -3.47
CA GLY A 280 15.40 14.62 -2.73
C GLY A 280 14.72 13.34 -3.23
N LYS A 281 15.47 12.55 -3.98
CA LYS A 281 14.91 11.36 -4.62
C LYS A 281 15.30 10.05 -3.94
N ALA A 282 16.06 10.11 -2.84
CA ALA A 282 16.53 8.88 -2.18
C ALA A 282 16.14 8.73 -0.71
N THR A 283 16.14 7.49 -0.23
CA THR A 283 15.99 7.11 1.19
C THR A 283 14.56 6.93 1.69
N VAL A 284 14.38 5.99 2.62
CA VAL A 284 13.08 5.69 3.21
C VAL A 284 12.44 6.90 3.90
N PRO A 285 13.19 7.66 4.72
CA PRO A 285 12.60 8.84 5.35
C PRO A 285 12.03 9.86 4.35
N SER A 286 12.77 10.14 3.28
CA SER A 286 12.25 11.02 2.24
C SER A 286 11.07 10.35 1.53
N LEU A 287 11.13 9.03 1.33
CA LEU A 287 10.02 8.33 0.70
C LEU A 287 8.75 8.44 1.57
N ALA A 288 8.93 8.26 2.89
CA ALA A 288 7.81 8.31 3.84
C ALA A 288 7.12 9.65 3.73
N GLU A 289 7.91 10.71 3.68
CA GLU A 289 7.38 12.06 3.61
C GLU A 289 6.62 12.26 2.31
N LYS A 290 7.15 11.75 1.20
CA LYS A 290 6.48 11.87 -0.09
C LYS A 290 5.14 11.11 -0.10
N LEU A 291 5.16 9.87 0.40
CA LEU A 291 3.95 9.03 0.50
C LEU A 291 2.86 9.62 1.37
N THR A 292 3.21 10.19 2.52
CA THR A 292 2.23 10.94 3.34
C THR A 292 1.58 12.10 2.54
N SER A 293 2.43 12.89 1.87
CA SER A 293 1.97 14.01 1.06
CA SER A 293 1.96 14.01 1.06
C SER A 293 1.05 13.51 -0.06
N GLU A 294 1.47 12.47 -0.76
CA GLU A 294 0.66 11.96 -1.89
C GLU A 294 -0.69 11.41 -1.43
N LEU A 295 -0.70 10.73 -0.28
CA LEU A 295 -1.94 10.19 0.27
C LEU A 295 -2.87 11.35 0.63
N ILE A 296 -2.34 12.36 1.30
CA ILE A 296 -3.15 13.50 1.73
C ILE A 296 -3.74 14.21 0.51
N THR A 297 -2.92 14.35 -0.53
CA THR A 297 -3.39 14.94 -1.77
C THR A 297 -4.50 14.11 -2.40
N HIS A 298 -4.31 12.81 -2.45
CA HIS A 298 -5.28 11.94 -3.09
C HIS A 298 -6.60 11.87 -2.28
N ILE A 299 -6.48 11.85 -0.94
CA ILE A 299 -7.70 11.94 -0.12
C ILE A 299 -8.44 13.27 -0.33
N SER A 300 -7.68 14.38 -0.33
CA SER A 300 -8.27 15.70 -0.50
C SER A 300 -9.06 15.79 -1.80
N LYS A 301 -8.57 15.12 -2.83
CA LYS A 301 -9.21 15.08 -4.12
C LYS A 301 -10.59 14.44 -4.04
N SER A 302 -10.74 13.43 -3.17
CA SER A 302 -12.03 12.75 -3.02
C SER A 302 -12.98 13.44 -2.08
N LEU A 303 -12.47 14.18 -1.11
CA LEU A 303 -13.34 14.72 -0.04
C LEU A 303 -14.58 15.49 -0.56
N PRO A 304 -14.41 16.35 -1.60
CA PRO A 304 -15.57 17.12 -2.07
C PRO A 304 -16.60 16.29 -2.84
N LEU A 305 -16.20 15.09 -3.27
CA LEU A 305 -16.97 14.25 -4.19
C LEU A 305 -17.69 13.10 -3.49
N LEU A 306 -17.13 12.67 -2.38
CA LEU A 306 -17.61 11.49 -1.64
C LEU A 306 -19.09 11.46 -1.32
N GLU A 307 -19.64 12.59 -0.87
CA GLU A 307 -21.02 12.61 -0.49
C GLU A 307 -21.95 12.23 -1.66
N ASN A 308 -21.69 12.80 -2.83
CA ASN A 308 -22.49 12.48 -4.02
C ASN A 308 -22.24 11.06 -4.51
N GLN A 309 -21.01 10.58 -4.32
CA GLN A 309 -20.61 9.25 -4.74
C GLN A 309 -21.33 8.21 -3.91
N ILE A 310 -21.40 8.44 -2.60
CA ILE A 310 -22.17 7.56 -1.72
C ILE A 310 -23.66 7.55 -2.13
N LYS A 311 -24.22 8.74 -2.37
CA LYS A 311 -25.63 8.87 -2.73
C LYS A 311 -25.93 8.08 -4.02
N GLU A 312 -25.08 8.27 -5.03
CA GLU A 312 -25.13 7.58 -6.31
C GLU A 312 -25.12 6.06 -6.12
N THR A 313 -24.16 5.58 -5.33
CA THR A 313 -24.02 4.17 -5.12
C THR A 313 -25.22 3.56 -4.37
N HIS A 314 -25.68 4.26 -3.33
CA HIS A 314 -26.83 3.86 -2.54
C HIS A 314 -28.09 3.77 -3.42
N GLN A 315 -28.28 4.76 -4.28
CA GLN A 315 -29.36 4.78 -5.27
C GLN A 315 -29.38 3.55 -6.18
N ARG A 316 -28.27 3.34 -6.89
CA ARG A 316 -28.12 2.19 -7.78
C ARG A 316 -28.42 0.86 -7.07
N ILE A 317 -27.83 0.63 -5.91
CA ILE A 317 -28.08 -0.59 -5.14
C ILE A 317 -29.52 -0.67 -4.63
N THR A 318 -30.11 0.46 -4.26
CA THR A 318 -31.52 0.50 -3.89
C THR A 318 -32.41 0.05 -5.06
N GLU A 319 -31.99 0.36 -6.28
CA GLU A 319 -32.73 -0.07 -7.45
C GLU A 319 -32.64 -1.59 -7.62
N GLU A 320 -31.46 -2.15 -7.35
CA GLU A 320 -31.26 -3.61 -7.43
C GLU A 320 -32.14 -4.33 -6.42
N LEU A 321 -32.23 -3.74 -5.22
CA LEU A 321 -33.06 -4.28 -4.15
C LEU A 321 -34.52 -4.46 -4.59
N GLN A 322 -35.02 -3.59 -5.49
CA GLN A 322 -36.41 -3.71 -5.99
C GLN A 322 -36.66 -5.05 -6.70
N LYS A 323 -35.62 -5.59 -7.33
CA LYS A 323 -35.73 -6.88 -8.05
C LYS A 323 -36.25 -8.02 -7.19
N TYR A 324 -35.91 -8.00 -5.91
CA TYR A 324 -36.37 -9.05 -4.98
C TYR A 324 -37.65 -8.70 -4.22
N GLY A 325 -38.21 -7.54 -4.56
CA GLY A 325 -39.56 -7.14 -4.14
C GLY A 325 -39.58 -6.37 -2.82
N VAL A 326 -39.60 -5.04 -2.90
CA VAL A 326 -39.65 -4.20 -1.70
C VAL A 326 -41.09 -3.95 -1.25
N SER A 335 -36.56 -17.43 -0.20
CA SER A 335 -35.60 -18.17 0.60
C SER A 335 -34.18 -17.87 0.13
N ASP A 336 -33.83 -18.32 -1.07
CA ASP A 336 -32.68 -17.74 -1.75
C ASP A 336 -32.98 -16.25 -2.00
N THR A 337 -34.25 -15.95 -2.24
CA THR A 337 -34.76 -14.59 -2.36
C THR A 337 -34.57 -13.81 -1.06
N SER A 338 -34.88 -14.46 0.06
N SER A 338 -34.86 -14.46 0.07
CA SER A 338 -34.71 -13.86 1.38
CA SER A 338 -34.70 -13.83 1.38
C SER A 338 -33.26 -13.42 1.61
C SER A 338 -33.24 -13.41 1.62
N ASP A 339 -32.31 -14.32 1.39
CA ASP A 339 -30.89 -14.01 1.56
C ASP A 339 -30.40 -12.92 0.59
N LYS A 340 -30.82 -13.00 -0.67
CA LYS A 340 -30.41 -11.99 -1.66
C LYS A 340 -30.86 -10.60 -1.23
N ARG A 341 -32.11 -10.51 -0.78
CA ARG A 341 -32.67 -9.31 -0.18
C ARG A 341 -31.76 -8.80 0.96
N LYS A 342 -31.45 -9.72 1.87
CA LYS A 342 -30.66 -9.41 3.06
C LYS A 342 -29.25 -8.89 2.77
N PHE A 343 -28.49 -9.55 1.89
CA PHE A 343 -27.14 -9.10 1.55
C PHE A 343 -27.12 -7.73 0.87
N LEU A 344 -28.18 -7.40 0.13
CA LEU A 344 -28.31 -6.07 -0.47
C LEU A 344 -28.62 -5.06 0.62
N LYS A 345 -29.51 -5.43 1.56
CA LYS A 345 -29.79 -4.57 2.71
C LYS A 345 -28.51 -4.31 3.55
N GLU A 346 -27.70 -5.34 3.71
CA GLU A 346 -26.44 -5.22 4.45
C GLU A 346 -25.45 -4.26 3.75
N ARG A 347 -25.41 -4.31 2.42
CA ARG A 347 -24.60 -3.37 1.66
C ARG A 347 -25.14 -1.94 1.78
N LEU A 348 -26.45 -1.77 1.69
CA LEU A 348 -27.07 -0.44 1.85
C LEU A 348 -26.86 0.14 3.25
N ALA A 349 -27.07 -0.70 4.27
CA ALA A 349 -26.74 -0.31 5.65
C ALA A 349 -25.29 0.19 5.78
N ARG A 350 -24.33 -0.51 5.15
CA ARG A 350 -22.93 -0.07 5.19
C ARG A 350 -22.72 1.29 4.52
N LEU A 351 -23.37 1.53 3.39
CA LEU A 351 -23.28 2.85 2.76
C LEU A 351 -23.96 3.93 3.60
N THR A 352 -25.03 3.59 4.30
CA THR A 352 -25.65 4.54 5.24
C THR A 352 -24.66 4.89 6.37
N GLN A 353 -24.05 3.87 6.99
CA GLN A 353 -22.97 4.09 7.95
C GLN A 353 -21.88 5.00 7.37
N ALA A 354 -21.52 4.78 6.10
CA ALA A 354 -20.51 5.62 5.44
C ALA A 354 -20.95 7.07 5.32
N ARG A 355 -22.19 7.29 4.88
CA ARG A 355 -22.79 8.61 4.84
C ARG A 355 -22.76 9.27 6.23
N ARG A 356 -23.20 8.55 7.26
CA ARG A 356 -23.20 9.13 8.61
C ARG A 356 -21.79 9.51 9.05
N ARG A 357 -20.83 8.66 8.70
CA ARG A 357 -19.47 8.81 9.19
C ARG A 357 -18.82 9.99 8.47
N LEU A 358 -19.17 10.18 7.19
CA LEU A 358 -18.71 11.34 6.45
C LEU A 358 -19.31 12.61 7.01
N ALA A 359 -20.59 12.56 7.35
CA ALA A 359 -21.30 13.69 7.99
C ALA A 359 -20.65 14.16 9.29
N GLN A 360 -19.85 13.29 9.92
CA GLN A 360 -19.15 13.62 11.17
C GLN A 360 -17.80 14.32 10.94
N PHE A 361 -17.25 14.19 9.73
CA PHE A 361 -15.92 14.72 9.42
C PHE A 361 -15.80 16.21 9.78
N PRO A 362 -14.69 16.64 10.42
CA PRO A 362 -13.50 15.84 10.77
C PRO A 362 -13.50 15.29 12.21
N GLY A 363 -14.65 15.27 12.88
CA GLY A 363 -14.71 14.84 14.28
C GLY A 363 -14.91 13.35 14.48
S SO4 B . 10.29 14.85 -10.79
O1 SO4 B . 9.55 13.88 -9.95
O2 SO4 B . 9.43 15.46 -11.84
O3 SO4 B . 10.84 15.91 -9.91
O4 SO4 B . 11.38 14.11 -11.48
S SO4 C . -29.15 10.36 9.49
O1 SO4 C . -30.46 9.72 9.74
O2 SO4 C . -28.38 9.51 8.54
O3 SO4 C . -29.37 11.70 8.91
O4 SO4 C . -28.38 10.49 10.74
S SO4 D . 9.48 -9.33 -1.92
O1 SO4 D . 8.64 -8.18 -1.62
O2 SO4 D . 9.94 -9.78 -0.58
O3 SO4 D . 8.78 -10.44 -2.58
O4 SO4 D . 10.64 -9.06 -2.79
S SO4 E . -16.21 -0.23 -9.37
O1 SO4 E . -16.66 -0.16 -7.96
O2 SO4 E . -17.14 0.56 -10.20
O3 SO4 E . -14.84 0.29 -9.49
O4 SO4 E . -16.22 -1.64 -9.85
S SO4 F . -2.21 -10.63 -22.43
O1 SO4 F . -3.51 -10.14 -21.95
O2 SO4 F . -2.38 -11.31 -23.73
O3 SO4 F . -1.28 -9.48 -22.59
O4 SO4 F . -1.64 -11.58 -21.45
S SO4 G . -14.09 5.09 13.84
O1 SO4 G . -14.60 4.28 14.99
O2 SO4 G . -15.24 5.72 13.13
O3 SO4 G . -13.18 6.15 14.36
O4 SO4 G . -13.33 4.19 12.94
#